data_9EYD
#
_entry.id   9EYD
#
_cell.length_a   1.00
_cell.length_b   1.00
_cell.length_c   1.00
_cell.angle_alpha   90.00
_cell.angle_beta   90.00
_cell.angle_gamma   90.00
#
_symmetry.space_group_name_H-M   'P 1'
#
loop_
_entity.id
_entity.type
_entity.pdbx_description
1 polymer 'Lysine-specific permease'
2 polymer 'Nanobody CA5755'
3 non-polymer LYSINE
#
loop_
_entity_poly.entity_id
_entity_poly.type
_entity_poly.pdbx_seq_one_letter_code
_entity_poly.pdbx_strand_id
1 'polypeptide(L)'
;RRVLKPRHLNMIAIGGSIGTGLFVASGATVATAGPGGALLSYALIGLMVYFLMTSLGEMAAYMPVSGSFCTYGSRFVEDG
FGFALGWNYWYNWAVTIAAELVAAQLVMSFWFPEVPGIYWSAIFLGIMFGLNVISARGFGESEFWFALIKVVTVVIFIGV
GLATIFGIMHGVESPGFSNFTMGDAPFVGGFQAMVGVAMIAGFSFQGTELIGIAAGESENPRKNIPIAIRQVFWRILMFY
ILAIFVIGMLIPYTDPNLLKNDASDISVSPFTLLFERAGFAAAAGVMNAVILSAILSAGNSGMYASTRMLYNLALEGKAP
RLFSRVSRSGVPRNALYATTLVGALCFLTSAFGDSTVYTWLLNTSGMCGFIAWLGIAISHYRFRKGYLAQGGRLEDLPYR
AKLFPFGPLFAFALCMVITLGQNYQALVGERIDWIGLLATYISLPLFLAIWLGYRWKKRARFVRYHEMDVSPTNT
;
A
2 'polypeptide(L)'
;QVQLQESGGGLVQGGSLRLSCAASGRTFSIYGMAWVRQASGKEREFVAAMPRGGGTTNYADSVKGRFSISRDNAKNTVDL
QMNSLKPEDTAVYYCVADRGFTLRLGIQHDYWGQGTQVTVSSHHHHHHEPEA
;
B
#
# COMPACT_ATOMS: atom_id res chain seq x y z
N ARG A 1 6.79 -22.33 26.40
CA ARG A 1 8.09 -22.85 25.97
C ARG A 1 8.83 -21.85 25.10
N ARG A 2 9.91 -21.30 25.62
CA ARG A 2 10.76 -20.38 24.86
C ARG A 2 11.90 -21.13 24.16
N VAL A 3 11.52 -22.16 23.39
CA VAL A 3 12.51 -22.93 22.65
C VAL A 3 12.91 -22.22 21.37
N LEU A 4 12.06 -21.33 20.86
CA LEU A 4 12.36 -20.62 19.62
C LEU A 4 13.57 -19.71 19.81
N LYS A 5 14.45 -19.71 18.81
CA LYS A 5 15.64 -18.88 18.85
C LYS A 5 15.25 -17.41 18.68
N PRO A 6 16.12 -16.49 19.15
CA PRO A 6 15.84 -15.06 18.92
C PRO A 6 15.71 -14.71 17.45
N ARG A 7 16.49 -15.37 16.57
CA ARG A 7 16.33 -15.16 15.14
C ARG A 7 14.96 -15.61 14.66
N HIS A 8 14.45 -16.72 15.21
CA HIS A 8 13.11 -17.19 14.86
C HIS A 8 12.05 -16.17 15.27
N LEU A 9 12.16 -15.61 16.47
CA LEU A 9 11.22 -14.58 16.89
C LEU A 9 11.31 -13.36 16.01
N ASN A 10 12.53 -12.96 15.65
CA ASN A 10 12.72 -11.79 14.79
C ASN A 10 12.08 -12.00 13.42
N MET A 11 12.28 -13.17 12.83
CA MET A 11 11.70 -13.43 11.51
C MET A 11 10.19 -13.58 11.59
N ILE A 12 9.67 -14.12 12.69
CA ILE A 12 8.22 -14.18 12.87
C ILE A 12 7.64 -12.77 12.95
N ALA A 13 8.31 -11.89 13.70
CA ALA A 13 7.85 -10.50 13.78
C ALA A 13 7.92 -9.81 12.42
N ILE A 14 8.98 -10.07 11.65
CA ILE A 14 9.11 -9.48 10.32
C ILE A 14 7.98 -9.97 9.42
N GLY A 15 7.69 -11.27 9.45
CA GLY A 15 6.61 -11.80 8.63
C GLY A 15 5.26 -11.24 9.02
N GLY A 16 5.02 -11.10 10.33
CA GLY A 16 3.76 -10.54 10.78
C GLY A 16 3.60 -9.08 10.41
N SER A 17 4.70 -8.31 10.46
CA SER A 17 4.63 -6.89 10.16
C SER A 17 4.38 -6.63 8.68
N ILE A 18 4.97 -7.45 7.80
CA ILE A 18 4.79 -7.25 6.36
C ILE A 18 3.36 -7.54 5.97
N GLY A 19 2.74 -6.61 5.25
CA GLY A 19 1.37 -6.72 4.83
C GLY A 19 1.22 -6.48 3.33
N THR A 20 0.06 -5.98 2.95
CA THR A 20 -0.27 -5.74 1.55
C THR A 20 0.18 -4.39 1.04
N GLY A 21 0.66 -3.51 1.93
CA GLY A 21 1.07 -2.18 1.49
C GLY A 21 2.26 -2.21 0.55
N LEU A 22 3.25 -3.06 0.84
CA LEU A 22 4.43 -3.14 -0.01
C LEU A 22 4.15 -3.89 -1.30
N PHE A 23 3.20 -4.83 -1.28
CA PHE A 23 2.93 -5.66 -2.45
C PHE A 23 2.21 -4.88 -3.55
N VAL A 24 1.22 -4.07 -3.18
CA VAL A 24 0.34 -3.40 -4.14
C VAL A 24 0.39 -1.89 -3.99
N ALA A 25 0.20 -1.38 -2.77
CA ALA A 25 0.08 0.05 -2.56
C ALA A 25 1.38 0.81 -2.84
N SER A 26 2.51 0.11 -2.88
CA SER A 26 3.78 0.79 -3.15
C SER A 26 3.79 1.40 -4.54
N GLY A 27 3.27 0.68 -5.54
CA GLY A 27 3.23 1.22 -6.88
C GLY A 27 2.35 2.45 -6.98
N ALA A 28 1.18 2.43 -6.33
CA ALA A 28 0.31 3.59 -6.32
C ALA A 28 0.96 4.78 -5.63
N THR A 29 1.64 4.53 -4.51
CA THR A 29 2.32 5.61 -3.81
C THR A 29 3.43 6.22 -4.67
N VAL A 30 4.20 5.37 -5.36
CA VAL A 30 5.25 5.87 -6.25
C VAL A 30 4.65 6.67 -7.39
N ALA A 31 3.55 6.18 -7.97
CA ALA A 31 2.92 6.90 -9.08
C ALA A 31 2.33 8.23 -8.62
N THR A 32 1.90 8.32 -7.37
CA THR A 32 1.25 9.54 -6.88
C THR A 32 2.27 10.58 -6.41
N ALA A 33 3.11 10.23 -5.44
CA ALA A 33 3.99 11.20 -4.80
C ALA A 33 5.43 11.12 -5.29
N GLY A 34 5.76 10.16 -6.15
CA GLY A 34 7.11 10.00 -6.63
C GLY A 34 7.98 9.27 -5.64
N PRO A 35 9.23 8.96 -6.03
CA PRO A 35 10.13 8.21 -5.14
C PRO A 35 10.54 8.96 -3.89
N GLY A 36 11.01 10.20 -4.06
CA GLY A 36 11.52 10.95 -2.91
C GLY A 36 10.45 11.26 -1.88
N GLY A 37 9.28 11.69 -2.35
CA GLY A 37 8.19 11.97 -1.42
C GLY A 37 7.75 10.73 -0.67
N ALA A 38 7.66 9.59 -1.37
CA ALA A 38 7.30 8.34 -0.71
C ALA A 38 8.35 7.95 0.32
N LEU A 39 9.64 8.12 -0.02
CA LEU A 39 10.70 7.79 0.93
C LEU A 39 10.60 8.65 2.18
N LEU A 40 10.40 9.96 2.01
CA LEU A 40 10.29 10.86 3.16
C LEU A 40 9.07 10.53 4.01
N SER A 41 7.94 10.28 3.36
CA SER A 41 6.72 9.95 4.09
C SER A 41 6.88 8.65 4.87
N TYR A 42 7.49 7.64 4.25
CA TYR A 42 7.70 6.37 4.95
C TYR A 42 8.69 6.52 6.09
N ALA A 43 9.73 7.34 5.93
CA ALA A 43 10.67 7.57 7.02
C ALA A 43 9.98 8.24 8.21
N LEU A 44 9.15 9.26 7.93
CA LEU A 44 8.41 9.92 9.01
C LEU A 44 7.44 8.97 9.69
N ILE A 45 6.72 8.16 8.90
CA ILE A 45 5.78 7.20 9.47
C ILE A 45 6.52 6.17 10.32
N GLY A 46 7.69 5.72 9.85
CA GLY A 46 8.46 4.77 10.63
C GLY A 46 8.94 5.36 11.95
N LEU A 47 9.39 6.62 11.93
CA LEU A 47 9.81 7.26 13.17
C LEU A 47 8.64 7.40 14.15
N MET A 48 7.47 7.81 13.62
CA MET A 48 6.29 7.93 14.48
C MET A 48 5.89 6.57 15.06
N VAL A 49 5.92 5.52 14.24
CA VAL A 49 5.56 4.18 14.71
C VAL A 49 6.57 3.71 15.76
N TYR A 50 7.85 4.02 15.56
CA TYR A 50 8.86 3.66 16.55
C TYR A 50 8.58 4.33 17.89
N PHE A 51 8.27 5.64 17.86
CA PHE A 51 7.98 6.34 19.11
C PHE A 51 6.73 5.76 19.78
N LEU A 52 5.67 5.53 19.01
CA LEU A 52 4.44 5.01 19.59
C LEU A 52 4.63 3.61 20.16
N MET A 53 5.38 2.77 19.44
CA MET A 53 5.63 1.42 19.93
C MET A 53 6.52 1.41 21.16
N THR A 54 7.49 2.32 21.23
CA THR A 54 8.30 2.44 22.44
C THR A 54 7.45 2.86 23.64
N SER A 55 6.55 3.84 23.43
CA SER A 55 5.68 4.26 24.52
C SER A 55 4.74 3.13 24.95
N LEU A 56 4.20 2.38 23.99
CA LEU A 56 3.33 1.26 24.32
C LEU A 56 4.10 0.17 25.07
N GLY A 57 5.34 -0.09 24.66
CA GLY A 57 6.14 -1.07 25.36
C GLY A 57 6.45 -0.66 26.78
N GLU A 58 6.74 0.63 26.98
CA GLU A 58 6.95 1.13 28.34
C GLU A 58 5.68 0.99 29.18
N MET A 59 4.53 1.32 28.59
CA MET A 59 3.25 1.17 29.30
C MET A 59 3.01 -0.28 29.69
N ALA A 60 3.26 -1.21 28.77
CA ALA A 60 3.07 -2.63 29.06
C ALA A 60 4.03 -3.12 30.13
N ALA A 61 5.29 -2.68 30.06
CA ALA A 61 6.27 -3.11 31.04
C ALA A 61 5.93 -2.58 32.44
N TYR A 62 5.47 -1.34 32.53
CA TYR A 62 5.15 -0.78 33.84
C TYR A 62 3.97 -1.50 34.48
N MET A 63 2.90 -1.70 33.72
CA MET A 63 1.70 -2.34 34.26
C MET A 63 1.10 -3.29 33.23
N PRO A 64 1.27 -4.60 33.39
CA PRO A 64 0.70 -5.55 32.43
C PRO A 64 -0.74 -5.91 32.73
N VAL A 65 -1.57 -5.84 31.69
CA VAL A 65 -2.98 -6.23 31.78
C VAL A 65 -3.30 -7.13 30.60
N SER A 66 -4.42 -7.83 30.72
CA SER A 66 -4.90 -8.71 29.66
C SER A 66 -5.91 -8.04 28.73
N GLY A 67 -6.21 -6.77 28.95
CA GLY A 67 -7.19 -6.08 28.14
C GLY A 67 -6.59 -5.13 27.12
N SER A 68 -5.28 -5.26 26.88
CA SER A 68 -4.58 -4.46 25.89
C SER A 68 -4.70 -2.97 26.19
N PHE A 69 -4.47 -2.12 25.18
CA PHE A 69 -4.52 -0.67 25.38
C PHE A 69 -5.94 -0.16 25.60
N CYS A 70 -6.95 -0.97 25.29
CA CYS A 70 -8.33 -0.56 25.56
C CYS A 70 -8.57 -0.36 27.04
N THR A 71 -8.04 -1.26 27.87
CA THR A 71 -8.17 -1.11 29.32
C THR A 71 -7.46 0.15 29.81
N TYR A 72 -6.27 0.44 29.27
CA TYR A 72 -5.56 1.66 29.64
C TYR A 72 -6.37 2.89 29.27
N GLY A 73 -6.94 2.91 28.06
CA GLY A 73 -7.76 4.04 27.65
C GLY A 73 -9.00 4.20 28.51
N SER A 74 -9.61 3.09 28.90
CA SER A 74 -10.81 3.15 29.72
C SER A 74 -10.50 3.64 31.12
N ARG A 75 -9.42 3.16 31.72
CA ARG A 75 -9.13 3.45 33.13
C ARG A 75 -8.26 4.67 33.33
N PHE A 76 -7.73 5.28 32.25
CA PHE A 76 -6.88 6.45 32.39
C PHE A 76 -7.48 7.73 31.80
N VAL A 77 -8.48 7.62 30.92
CA VAL A 77 -9.12 8.79 30.35
C VAL A 77 -10.60 8.76 30.69
N GLU A 78 -11.31 7.75 30.18
CA GLU A 78 -12.73 7.57 30.44
C GLU A 78 -13.15 6.21 29.88
N ASP A 79 -14.16 5.61 30.50
CA ASP A 79 -14.65 4.32 30.04
C ASP A 79 -15.20 4.40 28.63
N GLY A 80 -15.94 5.47 28.32
CA GLY A 80 -16.45 5.65 26.97
C GLY A 80 -15.36 5.77 25.92
N PHE A 81 -14.23 6.38 26.30
CA PHE A 81 -13.11 6.48 25.37
C PHE A 81 -12.59 5.09 25.00
N GLY A 82 -12.43 4.22 25.99
CA GLY A 82 -12.00 2.86 25.70
C GLY A 82 -13.03 2.07 24.93
N PHE A 83 -14.31 2.26 25.24
CA PHE A 83 -15.38 1.60 24.49
C PHE A 83 -15.34 2.00 23.02
N ALA A 84 -15.20 3.30 22.75
CA ALA A 84 -15.12 3.78 21.38
C ALA A 84 -13.85 3.28 20.70
N LEU A 85 -12.73 3.21 21.43
CA LEU A 85 -11.50 2.69 20.85
C LEU A 85 -11.66 1.22 20.45
N GLY A 86 -12.31 0.42 21.31
CA GLY A 86 -12.51 -0.98 20.98
C GLY A 86 -13.43 -1.16 19.77
N TRP A 87 -14.52 -0.39 19.71
CA TRP A 87 -15.41 -0.48 18.56
C TRP A 87 -14.71 -0.01 17.29
N ASN A 88 -13.89 1.04 17.38
CA ASN A 88 -13.13 1.51 16.23
C ASN A 88 -12.13 0.46 15.77
N TYR A 89 -11.49 -0.23 16.72
CA TYR A 89 -10.56 -1.30 16.36
C TYR A 89 -11.26 -2.44 15.65
N TRP A 90 -12.45 -2.83 16.14
CA TRP A 90 -13.21 -3.88 15.48
C TRP A 90 -13.62 -3.46 14.07
N TYR A 91 -14.08 -2.21 13.92
CA TYR A 91 -14.45 -1.72 12.59
C TYR A 91 -13.23 -1.65 11.68
N ASN A 92 -12.07 -1.29 12.23
CA ASN A 92 -10.85 -1.25 11.46
C ASN A 92 -10.49 -2.64 10.95
N TRP A 93 -10.62 -3.66 11.81
CA TRP A 93 -10.34 -5.02 11.36
C TRP A 93 -11.33 -5.46 10.29
N ALA A 94 -12.60 -5.08 10.43
CA ALA A 94 -13.58 -5.43 9.39
C ALA A 94 -13.23 -4.76 8.06
N VAL A 95 -12.85 -3.48 8.10
CA VAL A 95 -12.47 -2.77 6.88
C VAL A 95 -11.20 -3.38 6.30
N THR A 96 -10.28 -3.82 7.15
CA THR A 96 -9.08 -4.50 6.67
C THR A 96 -9.42 -5.81 5.98
N ILE A 97 -10.38 -6.56 6.51
CA ILE A 97 -10.80 -7.80 5.84
C ILE A 97 -11.42 -7.49 4.48
N ALA A 98 -12.26 -6.45 4.42
CA ALA A 98 -12.84 -6.05 3.14
C ALA A 98 -11.76 -5.64 2.15
N ALA A 99 -10.75 -4.90 2.62
CA ALA A 99 -9.66 -4.48 1.75
C ALA A 99 -8.84 -5.68 1.27
N GLU A 100 -8.65 -6.67 2.15
CA GLU A 100 -7.95 -7.89 1.75
C GLU A 100 -8.71 -8.62 0.66
N LEU A 101 -10.04 -8.71 0.80
CA LEU A 101 -10.85 -9.35 -0.24
C LEU A 101 -10.76 -8.58 -1.56
N VAL A 102 -10.82 -7.25 -1.49
CA VAL A 102 -10.72 -6.43 -2.69
C VAL A 102 -9.36 -6.61 -3.35
N ALA A 103 -8.29 -6.64 -2.56
CA ALA A 103 -6.95 -6.82 -3.10
C ALA A 103 -6.80 -8.19 -3.73
N ALA A 104 -7.37 -9.23 -3.10
CA ALA A 104 -7.33 -10.55 -3.70
C ALA A 104 -8.05 -10.56 -5.05
N GLN A 105 -9.22 -9.91 -5.11
CA GLN A 105 -9.94 -9.83 -6.38
C GLN A 105 -9.12 -9.08 -7.43
N LEU A 106 -8.45 -8.01 -7.03
CA LEU A 106 -7.70 -7.20 -7.99
C LEU A 106 -6.48 -7.96 -8.52
N VAL A 107 -5.70 -8.56 -7.62
CA VAL A 107 -4.51 -9.29 -8.05
C VAL A 107 -4.89 -10.59 -8.74
N MET A 108 -6.12 -11.06 -8.56
CA MET A 108 -6.59 -12.22 -9.31
C MET A 108 -6.59 -11.97 -10.82
N SER A 109 -6.61 -10.71 -11.23
CA SER A 109 -6.61 -10.37 -12.65
C SER A 109 -5.21 -10.57 -13.23
N PHE A 110 -5.02 -10.14 -14.48
CA PHE A 110 -3.83 -10.25 -15.31
C PHE A 110 -3.63 -11.68 -15.82
N TRP A 111 -4.39 -12.66 -15.32
CA TRP A 111 -4.39 -14.01 -15.85
C TRP A 111 -5.62 -14.30 -16.71
N PHE A 112 -6.79 -13.87 -16.24
CA PHE A 112 -8.05 -14.03 -16.97
C PHE A 112 -8.74 -12.68 -17.02
N PRO A 113 -8.32 -11.79 -17.92
CA PRO A 113 -8.90 -10.45 -17.98
C PRO A 113 -10.26 -10.39 -18.65
N GLU A 114 -10.79 -11.51 -19.14
CA GLU A 114 -12.08 -11.54 -19.82
C GLU A 114 -13.19 -12.13 -18.95
N VAL A 115 -13.11 -11.95 -17.65
CA VAL A 115 -14.14 -12.45 -16.73
C VAL A 115 -14.21 -11.53 -15.51
N PRO A 116 -15.41 -11.12 -15.09
CA PRO A 116 -15.51 -10.27 -13.90
C PRO A 116 -14.98 -10.98 -12.66
N GLY A 117 -14.36 -10.19 -11.77
CA GLY A 117 -13.80 -10.70 -10.55
C GLY A 117 -14.76 -10.89 -9.40
N ILE A 118 -16.05 -10.59 -9.60
CA ILE A 118 -17.03 -10.76 -8.54
C ILE A 118 -17.17 -12.23 -8.17
N TYR A 119 -17.19 -13.11 -9.16
CA TYR A 119 -17.31 -14.54 -8.89
C TYR A 119 -16.13 -15.06 -8.10
N TRP A 120 -14.92 -14.61 -8.44
CA TRP A 120 -13.73 -15.05 -7.71
C TRP A 120 -13.79 -14.57 -6.26
N SER A 121 -14.21 -13.33 -6.04
CA SER A 121 -14.34 -12.82 -4.67
C SER A 121 -15.38 -13.61 -3.88
N ALA A 122 -16.50 -13.92 -4.51
CA ALA A 122 -17.53 -14.70 -3.83
C ALA A 122 -17.02 -16.10 -3.48
N ILE A 123 -16.30 -16.74 -4.40
CA ILE A 123 -15.76 -18.07 -4.13
C ILE A 123 -14.75 -18.01 -2.99
N PHE A 124 -13.88 -17.00 -3.00
CA PHE A 124 -12.90 -16.86 -1.92
C PHE A 124 -13.57 -16.62 -0.59
N LEU A 125 -14.62 -15.79 -0.57
CA LEU A 125 -15.35 -15.54 0.68
C LEU A 125 -16.01 -16.82 1.18
N GLY A 126 -16.61 -17.59 0.27
CA GLY A 126 -17.22 -18.85 0.68
C GLY A 126 -16.21 -19.84 1.23
N ILE A 127 -15.04 -19.93 0.59
CA ILE A 127 -14.01 -20.84 1.07
C ILE A 127 -13.51 -20.40 2.44
N MET A 128 -13.31 -19.09 2.62
CA MET A 128 -12.88 -18.59 3.93
C MET A 128 -13.92 -18.87 5.00
N PHE A 129 -15.21 -18.67 4.68
CA PHE A 129 -16.27 -18.95 5.64
C PHE A 129 -16.30 -20.43 6.01
N GLY A 130 -16.15 -21.31 5.01
CA GLY A 130 -16.13 -22.73 5.29
C GLY A 130 -14.96 -23.14 6.16
N LEU A 131 -13.77 -22.60 5.85
CA LEU A 131 -12.60 -22.92 6.66
C LEU A 131 -12.76 -22.41 8.09
N ASN A 132 -13.34 -21.21 8.26
CA ASN A 132 -13.54 -20.67 9.60
C ASN A 132 -14.57 -21.49 10.37
N VAL A 133 -15.62 -21.96 9.71
CA VAL A 133 -16.67 -22.68 10.40
C VAL A 133 -16.30 -24.14 10.65
N ILE A 134 -15.36 -24.71 9.89
CA ILE A 134 -14.99 -26.11 10.10
C ILE A 134 -14.09 -26.26 11.32
N SER A 135 -12.90 -25.63 11.27
CA SER A 135 -11.94 -25.72 12.36
C SER A 135 -10.90 -24.63 12.18
N ALA A 136 -10.16 -24.36 13.25
CA ALA A 136 -9.10 -23.36 13.24
C ALA A 136 -7.88 -23.90 13.99
N ARG A 137 -7.53 -25.15 13.73
CA ARG A 137 -6.44 -25.82 14.44
C ARG A 137 -5.08 -25.57 13.78
N GLY A 138 -5.05 -25.44 12.46
CA GLY A 138 -3.80 -25.27 11.75
C GLY A 138 -3.41 -23.83 11.50
N PHE A 139 -3.99 -22.91 12.28
CA PHE A 139 -3.73 -21.49 12.08
C PHE A 139 -2.28 -21.13 12.33
N GLY A 140 -1.73 -21.59 13.46
CA GLY A 140 -0.38 -21.18 13.84
C GLY A 140 0.68 -21.67 12.86
N GLU A 141 0.62 -22.95 12.50
CA GLU A 141 1.63 -23.50 11.59
C GLU A 141 1.54 -22.86 10.21
N SER A 142 0.32 -22.68 9.71
CA SER A 142 0.15 -22.05 8.40
C SER A 142 0.65 -20.61 8.43
N GLU A 143 0.35 -19.87 9.51
CA GLU A 143 0.83 -18.50 9.62
C GLU A 143 2.35 -18.44 9.66
N PHE A 144 2.97 -19.35 10.42
CA PHE A 144 4.44 -19.36 10.51
C PHE A 144 5.06 -19.68 9.15
N TRP A 145 4.54 -20.68 8.45
CA TRP A 145 5.08 -21.03 7.15
C TRP A 145 4.88 -19.91 6.13
N PHE A 146 3.71 -19.26 6.15
CA PHE A 146 3.47 -18.15 5.23
C PHE A 146 4.39 -16.97 5.54
N ALA A 147 4.64 -16.70 6.83
CA ALA A 147 5.58 -15.64 7.19
C ALA A 147 6.99 -15.97 6.70
N LEU A 148 7.40 -17.23 6.85
CA LEU A 148 8.72 -17.63 6.34
C LEU A 148 8.80 -17.47 4.82
N ILE A 149 7.75 -17.87 4.11
CA ILE A 149 7.74 -17.73 2.65
C ILE A 149 7.78 -16.25 2.26
N LYS A 150 7.04 -15.41 2.98
CA LYS A 150 7.05 -13.98 2.68
C LYS A 150 8.44 -13.38 2.91
N VAL A 151 9.11 -13.76 4.00
CA VAL A 151 10.45 -13.26 4.25
C VAL A 151 11.40 -13.73 3.15
N VAL A 152 11.28 -14.99 2.74
CA VAL A 152 12.16 -15.52 1.69
C VAL A 152 11.95 -14.78 0.38
N THR A 153 10.70 -14.56 0.00
CA THR A 153 10.45 -13.89 -1.28
C THR A 153 10.84 -12.41 -1.21
N VAL A 154 10.69 -11.77 -0.05
CA VAL A 154 11.12 -10.38 0.09
C VAL A 154 12.64 -10.28 -0.06
N VAL A 155 13.38 -11.16 0.60
CA VAL A 155 14.84 -11.10 0.49
C VAL A 155 15.29 -11.47 -0.92
N ILE A 156 14.58 -12.38 -1.59
CA ILE A 156 14.91 -12.71 -2.97
C ILE A 156 14.67 -11.50 -3.87
N PHE A 157 13.56 -10.80 -3.67
CA PHE A 157 13.30 -9.59 -4.45
C PHE A 157 14.37 -8.54 -4.20
N ILE A 158 14.78 -8.35 -2.95
CA ILE A 158 15.83 -7.38 -2.65
C ILE A 158 17.12 -7.76 -3.34
N GLY A 159 17.49 -9.05 -3.29
CA GLY A 159 18.73 -9.48 -3.93
C GLY A 159 18.70 -9.30 -5.43
N VAL A 160 17.59 -9.68 -6.07
CA VAL A 160 17.52 -9.56 -7.52
C VAL A 160 17.49 -8.10 -7.94
N GLY A 161 16.83 -7.24 -7.15
CA GLY A 161 16.86 -5.82 -7.46
C GLY A 161 18.24 -5.22 -7.33
N LEU A 162 18.98 -5.61 -6.28
CA LEU A 162 20.35 -5.13 -6.12
C LEU A 162 21.26 -5.65 -7.22
N ALA A 163 21.02 -6.88 -7.69
CA ALA A 163 21.81 -7.39 -8.82
C ALA A 163 21.48 -6.64 -10.11
N THR A 164 20.20 -6.29 -10.30
CA THR A 164 19.80 -5.66 -11.55
C THR A 164 20.20 -4.19 -11.61
N ILE A 165 20.15 -3.46 -10.49
CA ILE A 165 20.36 -2.02 -10.52
C ILE A 165 21.78 -1.70 -11.00
N PHE A 166 22.78 -2.41 -10.50
CA PHE A 166 24.15 -2.17 -10.93
C PHE A 166 24.37 -2.70 -12.34
N GLY A 167 23.92 -3.92 -12.61
CA GLY A 167 24.05 -4.51 -13.92
C GLY A 167 25.18 -5.51 -14.03
N ILE A 168 24.85 -6.80 -13.97
CA ILE A 168 25.82 -7.88 -14.11
C ILE A 168 25.40 -8.85 -15.21
N MET A 169 24.13 -9.25 -15.22
CA MET A 169 23.65 -10.18 -16.22
C MET A 169 23.57 -9.52 -17.59
N HIS A 170 23.67 -10.33 -18.64
CA HIS A 170 23.67 -9.84 -20.00
C HIS A 170 22.24 -9.69 -20.52
N GLY A 171 22.10 -8.90 -21.58
CA GLY A 171 20.82 -8.72 -22.24
C GLY A 171 19.97 -7.58 -21.72
N VAL A 172 20.38 -6.93 -20.64
CA VAL A 172 19.61 -5.83 -20.06
C VAL A 172 20.57 -4.66 -19.80
N GLU A 173 20.10 -3.45 -20.10
CA GLU A 173 20.89 -2.25 -19.87
C GLU A 173 20.77 -1.81 -18.41
N SER A 174 21.62 -0.85 -18.04
CA SER A 174 21.59 -0.30 -16.69
C SER A 174 20.91 1.06 -16.72
N PRO A 175 19.70 1.20 -16.17
CA PRO A 175 19.03 2.50 -16.21
C PRO A 175 19.78 3.61 -15.50
N GLY A 176 20.46 3.31 -14.40
CA GLY A 176 21.15 4.33 -13.64
C GLY A 176 20.19 5.35 -13.04
N PHE A 177 20.65 6.58 -12.88
CA PHE A 177 19.80 7.64 -12.37
C PHE A 177 19.05 8.34 -13.50
N SER A 178 18.33 7.58 -14.32
CA SER A 178 17.54 8.13 -15.41
C SER A 178 16.05 8.15 -15.11
N ASN A 179 15.51 7.05 -14.57
CA ASN A 179 14.10 7.02 -14.20
C ASN A 179 13.79 7.94 -13.04
N PHE A 180 14.80 8.32 -12.24
CA PHE A 180 14.58 9.23 -11.13
C PHE A 180 14.31 10.64 -11.62
N THR A 181 15.19 11.17 -12.47
CA THR A 181 15.02 12.50 -13.05
C THR A 181 14.46 12.36 -14.46
N MET A 182 13.16 12.61 -14.61
CA MET A 182 12.50 12.53 -15.90
C MET A 182 11.25 13.39 -15.90
N GLY A 183 11.24 14.46 -16.70
CA GLY A 183 10.15 15.42 -16.67
C GLY A 183 10.07 16.13 -15.33
N ASP A 184 9.02 15.81 -14.57
CA ASP A 184 8.86 16.31 -13.21
C ASP A 184 9.98 15.80 -12.31
N ALA A 185 10.24 16.55 -11.23
CA ALA A 185 11.24 16.18 -10.24
C ALA A 185 10.79 14.94 -9.48
N PRO A 186 11.72 14.18 -8.86
CA PRO A 186 11.32 13.05 -8.01
C PRO A 186 10.26 13.43 -6.98
N PHE A 187 10.41 14.59 -6.36
CA PHE A 187 9.38 15.20 -5.53
C PHE A 187 8.32 15.78 -6.47
N VAL A 188 7.28 15.01 -6.75
CA VAL A 188 6.22 15.44 -7.64
C VAL A 188 5.02 15.88 -6.81
N GLY A 189 4.12 16.65 -7.42
CA GLY A 189 2.97 17.19 -6.71
C GLY A 189 3.36 18.20 -5.65
N GLY A 190 2.91 17.98 -4.42
CA GLY A 190 3.24 18.89 -3.35
C GLY A 190 2.71 18.43 -2.01
N PHE A 191 2.23 19.40 -1.23
CA PHE A 191 1.67 19.15 0.08
C PHE A 191 0.46 18.22 0.03
N GLN A 192 -0.42 18.43 -0.95
CA GLN A 192 -1.62 17.63 -1.09
C GLN A 192 -1.28 16.17 -1.38
N ALA A 193 -0.37 15.94 -2.33
CA ALA A 193 0.04 14.58 -2.64
C ALA A 193 0.77 13.94 -1.47
N MET A 194 1.59 14.73 -0.77
CA MET A 194 2.32 14.21 0.39
C MET A 194 1.37 13.72 1.46
N VAL A 195 0.38 14.56 1.84
CA VAL A 195 -0.58 14.15 2.85
C VAL A 195 -1.52 13.06 2.36
N GLY A 196 -1.77 12.98 1.05
CA GLY A 196 -2.56 11.90 0.50
C GLY A 196 -1.88 10.55 0.62
N VAL A 197 -0.59 10.50 0.31
CA VAL A 197 0.16 9.25 0.36
C VAL A 197 0.58 8.97 1.81
N ALA A 198 0.47 9.98 2.67
CA ALA A 198 0.74 9.74 4.08
C ALA A 198 -0.23 8.73 4.68
N MET A 199 -1.48 8.75 4.23
CA MET A 199 -2.45 7.77 4.70
C MET A 199 -2.02 6.35 4.34
N ILE A 200 -1.57 6.16 3.09
CA ILE A 200 -1.10 4.84 2.67
C ILE A 200 0.14 4.43 3.44
N ALA A 201 1.07 5.38 3.64
CA ALA A 201 2.28 5.07 4.39
C ALA A 201 1.97 4.66 5.83
N GLY A 202 1.02 5.34 6.47
CA GLY A 202 0.60 4.95 7.80
C GLY A 202 -0.09 3.60 7.81
N PHE A 203 -0.91 3.33 6.78
CA PHE A 203 -1.59 2.04 6.70
C PHE A 203 -0.59 0.90 6.56
N SER A 204 0.48 1.12 5.81
CA SER A 204 1.47 0.06 5.60
C SER A 204 2.14 -0.35 6.90
N PHE A 205 2.44 0.62 7.77
CA PHE A 205 3.14 0.34 9.03
C PHE A 205 2.22 -0.07 10.16
N GLN A 206 0.90 -0.08 9.95
CA GLN A 206 -0.01 -0.50 11.00
C GLN A 206 0.09 -2.00 11.26
N GLY A 207 -0.13 -2.39 12.51
CA GLY A 207 -0.10 -3.78 12.91
C GLY A 207 1.16 -4.21 13.61
N THR A 208 2.24 -3.44 13.50
CA THR A 208 3.51 -3.79 14.12
C THR A 208 3.69 -3.19 15.52
N GLU A 209 2.70 -2.44 16.00
CA GLU A 209 2.82 -1.82 17.32
C GLU A 209 2.57 -2.81 18.45
N LEU A 210 1.93 -3.95 18.17
CA LEU A 210 1.58 -4.90 19.21
C LEU A 210 2.76 -5.71 19.72
N ILE A 211 3.91 -5.64 19.04
CA ILE A 211 5.07 -6.45 19.45
C ILE A 211 5.50 -6.09 20.87
N GLY A 212 5.43 -4.81 21.22
CA GLY A 212 5.75 -4.40 22.58
C GLY A 212 4.88 -5.09 23.61
N ILE A 213 3.61 -5.31 23.28
CA ILE A 213 2.73 -6.06 24.16
C ILE A 213 3.29 -7.45 24.42
N ALA A 214 3.80 -8.10 23.36
CA ALA A 214 4.47 -9.38 23.54
C ALA A 214 5.69 -9.22 24.44
N ALA A 215 6.44 -8.13 24.27
CA ALA A 215 7.58 -7.85 25.13
C ALA A 215 7.18 -7.58 26.56
N GLY A 216 5.89 -7.34 26.82
CA GLY A 216 5.40 -7.24 28.18
C GLY A 216 5.29 -8.58 28.90
N GLU A 217 5.41 -9.69 28.17
CA GLU A 217 5.36 -11.02 28.77
C GLU A 217 6.72 -11.48 29.28
N SER A 218 7.78 -10.71 29.04
CA SER A 218 9.11 -11.10 29.49
C SER A 218 9.23 -10.98 31.00
N GLU A 219 9.92 -11.94 31.62
CA GLU A 219 10.13 -11.88 33.06
C GLU A 219 11.00 -10.71 33.45
N ASN A 220 12.04 -10.41 32.66
CA ASN A 220 12.95 -9.30 32.91
C ASN A 220 13.00 -8.43 31.65
N PRO A 221 12.05 -7.50 31.51
CA PRO A 221 12.03 -6.66 30.30
C PRO A 221 13.23 -5.73 30.18
N ARG A 222 13.98 -5.54 31.26
CA ARG A 222 15.06 -4.55 31.27
C ARG A 222 16.05 -4.79 30.13
N LYS A 223 16.44 -6.04 29.90
CA LYS A 223 17.35 -6.37 28.81
C LYS A 223 16.65 -6.90 27.58
N ASN A 224 15.41 -7.39 27.71
CA ASN A 224 14.69 -7.92 26.56
C ASN A 224 14.14 -6.82 25.66
N ILE A 225 13.74 -5.68 26.24
CA ILE A 225 13.21 -4.58 25.41
C ILE A 225 14.23 -4.07 24.41
N PRO A 226 15.46 -3.68 24.79
CA PRO A 226 16.36 -3.08 23.79
C PRO A 226 16.70 -4.01 22.64
N ILE A 227 16.90 -5.31 22.91
CA ILE A 227 17.30 -6.23 21.86
C ILE A 227 16.19 -6.37 20.81
N ALA A 228 14.95 -6.62 21.27
CA ALA A 228 13.84 -6.75 20.35
C ALA A 228 13.59 -5.45 19.61
N ILE A 229 13.66 -4.31 20.32
CA ILE A 229 13.44 -3.02 19.68
C ILE A 229 14.45 -2.83 18.55
N ARG A 230 15.73 -3.03 18.85
CA ARG A 230 16.77 -2.84 17.86
C ARG A 230 16.57 -3.76 16.66
N GLN A 231 16.41 -5.05 16.92
CA GLN A 231 16.29 -6.02 15.83
C GLN A 231 15.10 -5.70 14.93
N VAL A 232 13.90 -5.56 15.52
CA VAL A 232 12.71 -5.37 14.72
C VAL A 232 12.76 -4.03 13.99
N PHE A 233 13.12 -2.97 14.70
CA PHE A 233 13.15 -1.64 14.08
C PHE A 233 14.13 -1.59 12.92
N TRP A 234 15.37 -2.05 13.16
CA TRP A 234 16.37 -2.00 12.10
C TRP A 234 15.98 -2.85 10.91
N ARG A 235 15.52 -4.08 11.15
CA ARG A 235 15.17 -4.97 10.04
C ARG A 235 14.01 -4.41 9.23
N ILE A 236 12.95 -3.95 9.91
CA ILE A 236 11.79 -3.43 9.19
C ILE A 236 12.17 -2.20 8.39
N LEU A 237 12.90 -1.26 9.01
CA LEU A 237 13.27 -0.05 8.29
C LEU A 237 14.16 -0.35 7.10
N MET A 238 15.16 -1.22 7.27
CA MET A 238 16.05 -1.53 6.16
C MET A 238 15.30 -2.19 5.02
N PHE A 239 14.44 -3.17 5.33
CA PHE A 239 13.70 -3.87 4.29
C PHE A 239 12.77 -2.92 3.54
N TYR A 240 12.01 -2.09 4.29
CA TYR A 240 11.08 -1.18 3.65
C TYR A 240 11.80 -0.15 2.79
N ILE A 241 12.88 0.45 3.31
CA ILE A 241 13.61 1.47 2.58
C ILE A 241 14.19 0.87 1.30
N LEU A 242 14.83 -0.30 1.41
CA LEU A 242 15.42 -0.91 0.22
C LEU A 242 14.37 -1.27 -0.81
N ALA A 243 13.25 -1.86 -0.38
CA ALA A 243 12.21 -2.25 -1.33
C ALA A 243 11.61 -1.03 -2.03
N ILE A 244 11.31 0.03 -1.27
CA ILE A 244 10.70 1.20 -1.88
C ILE A 244 11.68 1.90 -2.80
N PHE A 245 12.96 1.97 -2.42
CA PHE A 245 13.97 2.58 -3.28
C PHE A 245 14.11 1.82 -4.58
N VAL A 246 14.14 0.48 -4.50
CA VAL A 246 14.27 -0.34 -5.71
C VAL A 246 13.05 -0.14 -6.61
N ILE A 247 11.85 -0.16 -6.01
CA ILE A 247 10.63 0.01 -6.82
C ILE A 247 10.62 1.38 -7.49
N GLY A 248 10.99 2.43 -6.75
CA GLY A 248 10.99 3.76 -7.33
C GLY A 248 12.01 3.94 -8.43
N MET A 249 13.23 3.41 -8.23
CA MET A 249 14.28 3.62 -9.22
C MET A 249 14.06 2.76 -10.47
N LEU A 250 13.65 1.50 -10.29
CA LEU A 250 13.53 0.60 -11.43
C LEU A 250 12.23 0.78 -12.20
N ILE A 251 11.28 1.56 -11.69
CA ILE A 251 10.01 1.77 -12.37
C ILE A 251 9.73 3.27 -12.49
N PRO A 252 9.50 3.79 -13.69
CA PRO A 252 9.13 5.20 -13.82
C PRO A 252 7.77 5.50 -13.22
N TYR A 253 7.61 6.73 -12.76
CA TYR A 253 6.35 7.11 -12.11
C TYR A 253 5.20 7.15 -13.12
N THR A 254 5.46 7.54 -14.36
CA THR A 254 4.42 7.61 -15.39
C THR A 254 4.27 6.26 -16.10
N ASP A 255 3.88 5.26 -15.31
CA ASP A 255 3.67 3.91 -15.82
C ASP A 255 2.18 3.61 -15.87
N PRO A 256 1.61 3.35 -17.04
CA PRO A 256 0.17 3.07 -17.12
C PRO A 256 -0.26 1.83 -16.36
N ASN A 257 0.66 0.91 -16.05
CA ASN A 257 0.34 -0.32 -15.34
C ASN A 257 0.36 -0.16 -13.82
N LEU A 258 0.19 1.07 -13.32
CA LEU A 258 0.16 1.33 -11.90
C LEU A 258 -1.25 1.75 -11.49
N LEU A 259 -1.57 1.51 -10.21
CA LEU A 259 -2.92 1.77 -9.72
C LEU A 259 -3.20 3.27 -9.70
N LYS A 260 -4.33 3.65 -10.31
CA LYS A 260 -4.76 5.04 -10.36
C LYS A 260 -6.27 5.06 -10.56
N ASN A 261 -6.86 6.23 -10.33
CA ASN A 261 -8.30 6.38 -10.53
C ASN A 261 -8.69 6.14 -11.99
N ASP A 262 -7.91 6.67 -12.92
CA ASP A 262 -8.11 6.46 -14.35
C ASP A 262 -6.99 5.57 -14.85
N ALA A 263 -7.33 4.33 -15.20
CA ALA A 263 -6.36 3.35 -15.67
C ALA A 263 -6.65 2.99 -17.12
N SER A 264 -5.61 3.08 -17.96
CA SER A 264 -5.76 2.73 -19.37
C SER A 264 -6.03 1.24 -19.53
N ASP A 265 -5.37 0.40 -18.73
CA ASP A 265 -5.51 -1.05 -18.83
C ASP A 265 -5.38 -1.64 -17.43
N ILE A 266 -5.16 -2.96 -17.37
CA ILE A 266 -5.05 -3.63 -16.08
C ILE A 266 -3.78 -3.18 -15.36
N SER A 267 -3.76 -3.41 -14.05
CA SER A 267 -2.64 -3.04 -13.20
C SER A 267 -2.09 -4.29 -12.51
N VAL A 268 -0.77 -4.36 -12.40
CA VAL A 268 -0.10 -5.50 -11.79
C VAL A 268 0.84 -5.00 -10.70
N SER A 269 1.16 -5.91 -9.78
CA SER A 269 2.05 -5.57 -8.68
C SER A 269 3.47 -5.34 -9.20
N PRO A 270 4.22 -4.43 -8.56
CA PRO A 270 5.60 -4.18 -9.00
C PRO A 270 6.48 -5.41 -8.92
N PHE A 271 6.26 -6.29 -7.94
CA PHE A 271 7.08 -7.50 -7.82
C PHE A 271 6.93 -8.39 -9.05
N THR A 272 5.69 -8.58 -9.50
CA THR A 272 5.46 -9.35 -10.72
C THR A 272 5.98 -8.61 -11.94
N LEU A 273 5.82 -7.29 -11.96
CA LEU A 273 6.22 -6.50 -13.13
C LEU A 273 7.73 -6.55 -13.34
N LEU A 274 8.50 -6.58 -12.25
CA LEU A 274 9.96 -6.61 -12.37
C LEU A 274 10.42 -7.86 -13.12
N PHE A 275 9.84 -9.02 -12.77
CA PHE A 275 10.19 -10.25 -13.47
C PHE A 275 9.58 -10.29 -14.86
N GLU A 276 8.39 -9.72 -15.05
CA GLU A 276 7.73 -9.76 -16.35
C GLU A 276 8.49 -8.94 -17.38
N ARG A 277 8.99 -7.76 -16.99
CA ARG A 277 9.73 -6.91 -17.90
C ARG A 277 11.20 -7.27 -18.02
N ALA A 278 11.68 -8.25 -17.25
CA ALA A 278 13.07 -8.67 -17.31
C ALA A 278 13.34 -9.70 -18.39
N GLY A 279 12.30 -10.13 -19.12
CA GLY A 279 12.47 -11.11 -20.17
C GLY A 279 12.49 -12.56 -19.72
N PHE A 280 12.30 -12.82 -18.43
CA PHE A 280 12.32 -14.18 -17.88
C PHE A 280 10.87 -14.65 -17.79
N ALA A 281 10.45 -15.42 -18.79
CA ALA A 281 9.10 -15.94 -18.83
C ALA A 281 8.95 -17.13 -17.88
N ALA A 282 7.69 -17.50 -17.62
CA ALA A 282 7.31 -18.62 -16.77
C ALA A 282 7.79 -18.45 -15.33
N ALA A 283 8.17 -17.25 -14.93
CA ALA A 283 8.61 -16.98 -13.57
C ALA A 283 7.69 -16.05 -12.80
N ALA A 284 6.94 -15.18 -13.49
CA ALA A 284 6.05 -14.27 -12.80
C ALA A 284 4.80 -14.98 -12.29
N GLY A 285 4.41 -16.08 -12.93
CA GLY A 285 3.22 -16.81 -12.49
C GLY A 285 3.38 -17.40 -11.11
N VAL A 286 4.55 -17.96 -10.81
CA VAL A 286 4.79 -18.54 -9.49
C VAL A 286 4.72 -17.46 -8.42
N MET A 287 5.33 -16.30 -8.68
CA MET A 287 5.30 -15.21 -7.71
C MET A 287 3.88 -14.68 -7.53
N ASN A 288 3.11 -14.60 -8.61
CA ASN A 288 1.72 -14.16 -8.51
C ASN A 288 0.90 -15.14 -7.69
N ALA A 289 1.12 -16.45 -7.89
CA ALA A 289 0.41 -17.45 -7.10
C ALA A 289 0.79 -17.36 -5.63
N VAL A 290 2.07 -17.12 -5.35
CA VAL A 290 2.51 -16.95 -3.96
C VAL A 290 1.84 -15.73 -3.34
N ILE A 291 1.74 -14.63 -4.10
CA ILE A 291 1.06 -13.44 -3.60
C ILE A 291 -0.41 -13.74 -3.32
N LEU A 292 -1.07 -14.46 -4.22
CA LEU A 292 -2.48 -14.80 -4.02
C LEU A 292 -2.66 -15.66 -2.76
N SER A 293 -1.80 -16.65 -2.58
CA SER A 293 -1.91 -17.51 -1.40
C SER A 293 -1.65 -16.72 -0.13
N ALA A 294 -0.67 -15.82 -0.16
CA ALA A 294 -0.39 -14.99 1.01
C ALA A 294 -1.58 -14.09 1.35
N ILE A 295 -2.21 -13.50 0.33
CA ILE A 295 -3.38 -12.66 0.56
C ILE A 295 -4.51 -13.48 1.15
N LEU A 296 -4.75 -14.67 0.62
CA LEU A 296 -5.81 -15.52 1.14
C LEU A 296 -5.55 -15.91 2.60
N SER A 297 -4.30 -16.28 2.92
CA SER A 297 -3.97 -16.63 4.29
C SER A 297 -4.12 -15.45 5.23
N ALA A 298 -3.69 -14.26 4.80
CA ALA A 298 -3.83 -13.07 5.62
C ALA A 298 -5.30 -12.75 5.86
N GLY A 299 -6.14 -12.88 4.82
CA GLY A 299 -7.55 -12.64 5.00
C GLY A 299 -8.21 -13.63 5.95
N ASN A 300 -7.85 -14.90 5.84
CA ASN A 300 -8.40 -15.90 6.76
C ASN A 300 -7.96 -15.63 8.19
N SER A 301 -6.68 -15.30 8.39
CA SER A 301 -6.19 -14.99 9.73
C SER A 301 -6.88 -13.76 10.30
N GLY A 302 -7.07 -12.73 9.48
CA GLY A 302 -7.78 -11.55 9.95
C GLY A 302 -9.22 -11.82 10.31
N MET A 303 -9.89 -12.65 9.51
CA MET A 303 -11.28 -13.01 9.82
C MET A 303 -11.35 -13.77 11.13
N TYR A 304 -10.44 -14.73 11.34
CA TYR A 304 -10.42 -15.47 12.59
C TYR A 304 -10.15 -14.54 13.78
N ALA A 305 -9.20 -13.63 13.64
CA ALA A 305 -8.88 -12.70 14.72
C ALA A 305 -10.05 -11.78 15.02
N SER A 306 -10.73 -11.29 13.98
CA SER A 306 -11.88 -10.41 14.19
C SER A 306 -13.02 -11.15 14.87
N THR A 307 -13.28 -12.40 14.46
CA THR A 307 -14.32 -13.17 15.12
C THR A 307 -13.98 -13.42 16.58
N ARG A 308 -12.72 -13.77 16.86
CA ARG A 308 -12.32 -14.03 18.25
C ARG A 308 -12.42 -12.77 19.11
N MET A 309 -11.99 -11.63 18.58
CA MET A 309 -12.06 -10.40 19.37
C MET A 309 -13.50 -9.93 19.53
N LEU A 310 -14.36 -10.15 18.54
CA LEU A 310 -15.77 -9.83 18.70
C LEU A 310 -16.41 -10.71 19.78
N TYR A 311 -16.06 -12.00 19.81
CA TYR A 311 -16.57 -12.88 20.85
C TYR A 311 -16.07 -12.44 22.22
N ASN A 312 -14.79 -12.06 22.33
CA ASN A 312 -14.25 -11.59 23.59
C ASN A 312 -14.96 -10.31 24.05
N LEU A 313 -15.21 -9.38 23.13
CA LEU A 313 -15.94 -8.17 23.48
C LEU A 313 -17.36 -8.48 23.93
N ALA A 314 -18.02 -9.42 23.25
CA ALA A 314 -19.36 -9.83 23.63
C ALA A 314 -19.39 -10.57 24.96
N LEU A 315 -18.25 -11.13 25.39
CA LEU A 315 -18.21 -11.80 26.68
C LEU A 315 -18.52 -10.84 27.82
N GLU A 316 -17.98 -9.63 27.75
CA GLU A 316 -18.29 -8.61 28.75
C GLU A 316 -19.66 -8.01 28.49
N GLY A 317 -20.02 -7.01 29.29
CA GLY A 317 -21.30 -6.34 29.18
C GLY A 317 -21.40 -5.25 28.15
N LYS A 318 -20.33 -5.00 27.39
CA LYS A 318 -20.35 -3.94 26.38
C LYS A 318 -21.30 -4.28 25.24
N ALA A 319 -21.00 -5.37 24.53
CA ALA A 319 -21.83 -5.79 23.42
C ALA A 319 -23.12 -6.44 23.93
N PRO A 320 -24.18 -6.43 23.12
CA PRO A 320 -25.41 -7.10 23.52
C PRO A 320 -25.19 -8.60 23.70
N ARG A 321 -25.99 -9.19 24.59
CA ARG A 321 -25.79 -10.58 24.99
C ARG A 321 -26.10 -11.58 23.87
N LEU A 322 -26.73 -11.14 22.78
CA LEU A 322 -27.03 -12.04 21.67
C LEU A 322 -25.83 -12.17 20.72
N PHE A 323 -24.66 -12.46 21.28
CA PHE A 323 -23.50 -12.82 20.47
C PHE A 323 -22.63 -13.91 21.08
N SER A 324 -22.68 -14.16 22.39
CA SER A 324 -21.79 -15.11 23.04
C SER A 324 -22.30 -16.55 22.97
N ARG A 325 -23.48 -16.77 22.40
CA ARG A 325 -23.99 -18.13 22.24
C ARG A 325 -23.06 -18.93 21.32
N VAL A 326 -22.73 -20.15 21.75
CA VAL A 326 -21.82 -21.01 21.01
C VAL A 326 -22.52 -22.31 20.67
N SER A 327 -21.99 -22.99 19.66
CA SER A 327 -22.54 -24.27 19.23
C SER A 327 -22.03 -25.37 20.15
N ARG A 328 -22.27 -26.63 19.78
CA ARG A 328 -21.82 -27.75 20.60
C ARG A 328 -20.28 -27.84 20.63
N SER A 329 -19.62 -27.46 19.53
CA SER A 329 -18.17 -27.46 19.48
C SER A 329 -17.55 -26.22 20.12
N GLY A 330 -18.35 -25.23 20.50
CA GLY A 330 -17.86 -24.03 21.12
C GLY A 330 -17.51 -22.90 20.17
N VAL A 331 -17.59 -23.13 18.87
CA VAL A 331 -17.28 -22.08 17.89
C VAL A 331 -18.44 -21.11 17.83
N PRO A 332 -18.20 -19.80 18.00
CA PRO A 332 -19.30 -18.83 17.89
C PRO A 332 -19.88 -18.81 16.49
N ARG A 333 -21.18 -18.52 16.42
CA ARG A 333 -21.92 -18.49 15.17
C ARG A 333 -22.43 -17.11 14.81
N ASN A 334 -22.98 -16.37 15.77
CA ASN A 334 -23.49 -15.03 15.50
C ASN A 334 -22.36 -14.08 15.12
N ALA A 335 -21.21 -14.18 15.79
CA ALA A 335 -20.08 -13.32 15.46
C ALA A 335 -19.58 -13.58 14.05
N LEU A 336 -19.51 -14.85 13.65
CA LEU A 336 -19.09 -15.18 12.29
C LEU A 336 -20.08 -14.65 11.26
N TYR A 337 -21.38 -14.75 11.55
CA TYR A 337 -22.39 -14.23 10.63
C TYR A 337 -22.25 -12.72 10.49
N ALA A 338 -22.05 -12.01 11.62
CA ALA A 338 -21.87 -10.57 11.55
C ALA A 338 -20.62 -10.19 10.78
N THR A 339 -19.52 -10.93 10.99
CA THR A 339 -18.29 -10.65 10.27
C THR A 339 -18.47 -10.86 8.77
N THR A 340 -19.16 -11.94 8.38
CA THR A 340 -19.42 -12.18 6.96
C THR A 340 -20.30 -11.08 6.37
N LEU A 341 -21.32 -10.66 7.11
CA LEU A 341 -22.21 -9.61 6.62
C LEU A 341 -21.46 -8.31 6.42
N VAL A 342 -20.57 -7.95 7.36
CA VAL A 342 -19.81 -6.72 7.22
C VAL A 342 -18.81 -6.84 6.08
N GLY A 343 -18.15 -7.99 5.95
CA GLY A 343 -17.18 -8.18 4.89
C GLY A 343 -17.77 -8.33 3.51
N ALA A 344 -19.08 -8.57 3.42
CA ALA A 344 -19.76 -8.58 2.13
C ALA A 344 -19.77 -7.22 1.42
N LEU A 345 -19.15 -6.20 2.02
CA LEU A 345 -19.09 -4.89 1.39
C LEU A 345 -18.26 -4.89 0.11
N CYS A 346 -17.42 -5.92 -0.09
CA CYS A 346 -16.53 -5.99 -1.24
C CYS A 346 -17.25 -6.26 -2.56
N PHE A 347 -18.58 -6.32 -2.56
CA PHE A 347 -19.35 -6.57 -3.77
C PHE A 347 -19.72 -5.28 -4.51
N LEU A 348 -19.24 -4.13 -4.05
CA LEU A 348 -19.53 -2.86 -4.71
C LEU A 348 -18.62 -2.58 -5.90
N THR A 349 -17.66 -3.47 -6.18
CA THR A 349 -16.78 -3.27 -7.32
C THR A 349 -17.53 -3.34 -8.64
N SER A 350 -18.60 -4.15 -8.70
CA SER A 350 -19.39 -4.26 -9.91
C SER A 350 -20.21 -3.02 -10.22
N ALA A 351 -20.32 -2.08 -9.27
CA ALA A 351 -21.11 -0.87 -9.47
C ALA A 351 -20.33 0.42 -9.27
N PHE A 352 -19.11 0.37 -8.70
CA PHE A 352 -18.34 1.59 -8.50
C PHE A 352 -16.89 1.46 -8.92
N GLY A 353 -16.51 0.38 -9.60
CA GLY A 353 -15.13 0.21 -10.02
C GLY A 353 -14.27 -0.48 -8.98
N ASP A 354 -13.00 -0.65 -9.32
CA ASP A 354 -12.05 -1.38 -8.49
C ASP A 354 -11.12 -0.47 -7.71
N SER A 355 -10.49 0.51 -8.38
CA SER A 355 -9.51 1.36 -7.73
C SER A 355 -10.14 2.23 -6.65
N THR A 356 -11.32 2.80 -6.94
CA THR A 356 -11.94 3.72 -6.00
C THR A 356 -12.33 3.03 -4.69
N VAL A 357 -12.91 1.82 -4.79
CA VAL A 357 -13.31 1.09 -3.59
C VAL A 357 -12.09 0.73 -2.75
N TYR A 358 -11.02 0.26 -3.40
CA TYR A 358 -9.81 -0.09 -2.68
C TYR A 358 -9.20 1.14 -1.99
N THR A 359 -9.17 2.27 -2.70
CA THR A 359 -8.65 3.50 -2.11
C THR A 359 -9.49 3.94 -0.91
N TRP A 360 -10.82 3.85 -1.03
CA TRP A 360 -11.69 4.24 0.07
C TRP A 360 -11.50 3.33 1.28
N LEU A 361 -11.36 2.02 1.04
CA LEU A 361 -11.12 1.10 2.15
C LEU A 361 -9.77 1.38 2.81
N LEU A 362 -8.74 1.65 2.01
CA LEU A 362 -7.44 2.01 2.59
C LEU A 362 -7.54 3.27 3.42
N ASN A 363 -8.26 4.28 2.92
CA ASN A 363 -8.41 5.53 3.67
C ASN A 363 -9.14 5.30 4.99
N THR A 364 -10.20 4.49 4.96
CA THR A 364 -10.95 4.20 6.18
C THR A 364 -10.08 3.47 7.19
N SER A 365 -9.34 2.46 6.74
CA SER A 365 -8.47 1.71 7.64
C SER A 365 -7.39 2.61 8.23
N GLY A 366 -6.80 3.47 7.40
CA GLY A 366 -5.78 4.37 7.89
C GLY A 366 -6.33 5.37 8.89
N MET A 367 -7.54 5.89 8.65
CA MET A 367 -8.16 6.81 9.59
C MET A 367 -8.45 6.13 10.91
N CYS A 368 -8.94 4.89 10.88
CA CYS A 368 -9.18 4.16 12.12
C CYS A 368 -7.89 3.90 12.88
N GLY A 369 -6.83 3.50 12.16
CA GLY A 369 -5.54 3.31 12.81
C GLY A 369 -4.99 4.59 13.40
N PHE A 370 -5.17 5.71 12.70
CA PHE A 370 -4.75 7.01 13.22
C PHE A 370 -5.53 7.40 14.46
N ILE A 371 -6.84 7.12 14.49
CA ILE A 371 -7.63 7.39 15.70
C ILE A 371 -7.12 6.55 16.85
N ALA A 372 -6.84 5.28 16.61
CA ALA A 372 -6.30 4.42 17.66
C ALA A 372 -4.95 4.92 18.16
N TRP A 373 -4.09 5.37 17.25
CA TRP A 373 -2.79 5.91 17.64
C TRP A 373 -2.94 7.17 18.47
N LEU A 374 -3.86 8.07 18.07
CA LEU A 374 -4.11 9.27 18.87
C LEU A 374 -4.60 8.90 20.26
N GLY A 375 -5.51 7.93 20.35
CA GLY A 375 -6.02 7.52 21.65
C GLY A 375 -4.94 6.95 22.55
N ILE A 376 -4.10 6.07 21.99
CA ILE A 376 -3.07 5.45 22.82
C ILE A 376 -2.01 6.48 23.21
N ALA A 377 -1.69 7.42 22.33
CA ALA A 377 -0.74 8.47 22.67
C ALA A 377 -1.28 9.37 23.78
N ILE A 378 -2.57 9.74 23.70
CA ILE A 378 -3.16 10.55 24.74
C ILE A 378 -3.18 9.80 26.06
N SER A 379 -3.51 8.50 26.03
CA SER A 379 -3.52 7.71 27.24
C SER A 379 -2.13 7.63 27.87
N HIS A 380 -1.11 7.40 27.05
CA HIS A 380 0.26 7.34 27.57
C HIS A 380 0.69 8.67 28.16
N TYR A 381 0.37 9.77 27.48
CA TYR A 381 0.75 11.09 28.00
C TYR A 381 0.06 11.38 29.32
N ARG A 382 -1.23 11.08 29.42
CA ARG A 382 -1.95 11.30 30.67
C ARG A 382 -1.42 10.41 31.78
N PHE A 383 -1.10 9.16 31.47
CA PHE A 383 -0.54 8.26 32.47
C PHE A 383 0.78 8.78 33.00
N ARG A 384 1.67 9.23 32.11
CA ARG A 384 2.97 9.74 32.54
C ARG A 384 2.81 11.01 33.35
N LYS A 385 1.91 11.91 32.93
CA LYS A 385 1.69 13.14 33.68
C LYS A 385 1.14 12.83 35.07
N GLY A 386 0.20 11.88 35.16
CA GLY A 386 -0.34 11.51 36.46
C GLY A 386 0.70 10.88 37.36
N TYR A 387 1.56 10.02 36.80
CA TYR A 387 2.62 9.42 37.60
C TYR A 387 3.61 10.48 38.10
N LEU A 388 3.95 11.44 37.24
CA LEU A 388 4.84 12.52 37.66
C LEU A 388 4.21 13.36 38.75
N ALA A 389 2.91 13.65 38.64
CA ALA A 389 2.21 14.41 39.66
C ALA A 389 2.11 13.63 40.97
N GLN A 390 2.02 12.31 40.89
CA GLN A 390 1.94 11.47 42.09
C GLN A 390 3.24 11.46 42.89
N GLY A 391 4.36 11.82 42.27
CA GLY A 391 5.64 11.84 42.97
C GLY A 391 6.37 10.51 43.00
N GLY A 392 5.94 9.53 42.22
CA GLY A 392 6.65 8.26 42.20
C GLY A 392 8.05 8.41 41.65
N ARG A 393 8.96 7.58 42.16
CA ARG A 393 10.35 7.64 41.72
C ARG A 393 10.49 7.17 40.29
N LEU A 394 11.34 7.85 39.51
CA LEU A 394 11.53 7.51 38.11
C LEU A 394 12.35 6.24 37.91
N GLU A 395 13.20 5.87 38.88
CA GLU A 395 14.02 4.69 38.74
C GLU A 395 13.24 3.40 38.92
N ASP A 396 12.04 3.46 39.52
CA ASP A 396 11.24 2.26 39.73
C ASP A 396 10.63 1.73 38.43
N LEU A 397 10.51 2.58 37.41
CA LEU A 397 9.92 2.13 36.16
C LEU A 397 10.85 1.17 35.44
N PRO A 398 10.37 -0.02 35.03
CA PRO A 398 11.26 -0.93 34.29
C PRO A 398 11.80 -0.33 33.00
N TYR A 399 11.01 0.48 32.31
CA TYR A 399 11.45 1.11 31.06
C TYR A 399 11.00 2.56 31.01
N ARG A 400 11.46 3.29 30.00
CA ARG A 400 11.16 4.72 29.89
C ARG A 400 11.29 5.20 28.45
N ALA A 401 11.21 6.51 28.25
CA ALA A 401 11.36 7.10 26.93
C ALA A 401 12.55 8.06 26.95
N LYS A 402 13.12 8.30 25.78
CA LYS A 402 14.31 9.14 25.69
C LYS A 402 13.95 10.61 25.78
N LEU A 403 13.11 11.09 24.85
CA LEU A 403 12.70 12.49 24.85
C LEU A 403 11.23 12.62 25.20
N PHE A 404 10.94 13.26 26.33
CA PHE A 404 9.57 13.51 26.76
C PHE A 404 9.40 14.97 27.13
N PRO A 405 8.27 15.60 26.78
CA PRO A 405 7.14 15.06 26.02
C PRO A 405 7.29 15.25 24.52
N PHE A 406 8.51 15.15 23.99
CA PHE A 406 8.71 15.30 22.55
C PHE A 406 8.08 14.17 21.74
N GLY A 407 8.07 12.96 22.28
CA GLY A 407 7.50 11.82 21.58
C GLY A 407 6.02 11.95 21.33
N PRO A 408 5.21 11.90 22.40
CA PRO A 408 3.76 11.95 22.24
C PRO A 408 3.26 13.19 21.49
N LEU A 409 3.86 14.34 21.75
CA LEU A 409 3.44 15.58 21.12
C LEU A 409 3.68 15.58 19.61
N PHE A 410 4.89 15.19 19.19
CA PHE A 410 5.22 15.20 17.76
C PHE A 410 4.33 14.24 16.98
N ALA A 411 4.17 13.02 17.49
CA ALA A 411 3.33 12.04 16.82
C ALA A 411 1.88 12.51 16.76
N PHE A 412 1.38 13.07 17.86
CA PHE A 412 0.01 13.58 17.90
C PHE A 412 -0.20 14.67 16.86
N ALA A 413 0.73 15.64 16.81
CA ALA A 413 0.59 16.74 15.86
C ALA A 413 0.67 16.25 14.42
N LEU A 414 1.63 15.36 14.13
CA LEU A 414 1.76 14.84 12.77
C LEU A 414 0.52 14.07 12.35
N CYS A 415 0.00 13.21 13.23
CA CYS A 415 -1.20 12.44 12.90
C CYS A 415 -2.39 13.36 12.70
N MET A 416 -2.55 14.38 13.56
CA MET A 416 -3.68 15.27 13.44
C MET A 416 -3.62 16.06 12.13
N VAL A 417 -2.44 16.57 11.78
CA VAL A 417 -2.34 17.36 10.55
C VAL A 417 -2.52 16.46 9.32
N ILE A 418 -2.02 15.22 9.37
CA ILE A 418 -2.22 14.31 8.24
C ILE A 418 -3.71 14.00 8.07
N THR A 419 -4.41 13.75 9.18
CA THR A 419 -5.84 13.47 9.09
C THR A 419 -6.62 14.68 8.58
N LEU A 420 -6.26 15.88 9.05
CA LEU A 420 -7.02 17.08 8.69
C LEU A 420 -6.76 17.55 7.27
N GLY A 421 -5.55 17.37 6.76
CA GLY A 421 -5.22 17.91 5.44
C GLY A 421 -5.55 17.00 4.27
N GLN A 422 -6.33 15.96 4.51
CA GLN A 422 -6.66 15.02 3.45
C GLN A 422 -7.53 15.66 2.37
N ASN A 423 -8.56 16.40 2.79
CA ASN A 423 -9.53 17.00 1.87
C ASN A 423 -9.84 18.44 2.28
N TYR A 424 -8.79 19.21 2.53
CA TYR A 424 -8.96 20.60 2.97
C TYR A 424 -9.54 21.48 1.88
N GLN A 425 -9.40 21.12 0.60
CA GLN A 425 -9.84 21.97 -0.49
C GLN A 425 -11.35 22.05 -0.61
N ALA A 426 -12.10 21.16 0.02
CA ALA A 426 -13.56 21.21 -0.06
C ALA A 426 -14.11 22.47 0.58
N LEU A 427 -13.61 22.83 1.76
CA LEU A 427 -14.08 24.02 2.45
C LEU A 427 -13.56 25.31 1.83
N VAL A 428 -12.45 25.25 1.10
CA VAL A 428 -11.90 26.46 0.48
C VAL A 428 -12.84 26.97 -0.60
N GLY A 429 -13.35 26.08 -1.44
CA GLY A 429 -14.22 26.49 -2.53
C GLY A 429 -15.63 26.81 -2.07
N GLU A 430 -16.42 27.34 -3.01
CA GLU A 430 -17.80 27.70 -2.70
C GLU A 430 -18.66 26.46 -2.47
N ARG A 431 -18.36 25.35 -3.14
CA ARG A 431 -19.11 24.12 -2.98
C ARG A 431 -18.70 23.44 -1.68
N ILE A 432 -19.68 23.10 -0.85
CA ILE A 432 -19.41 22.39 0.40
C ILE A 432 -20.15 21.06 0.36
N ASP A 433 -21.48 21.11 0.26
CA ASP A 433 -22.35 19.94 0.16
C ASP A 433 -22.04 18.96 1.30
N TRP A 434 -22.35 17.69 1.10
CA TRP A 434 -22.04 16.66 2.08
C TRP A 434 -21.47 15.38 1.49
N ILE A 435 -21.45 15.23 0.16
CA ILE A 435 -20.99 13.98 -0.45
C ILE A 435 -19.50 13.77 -0.18
N GLY A 436 -18.69 14.80 -0.42
CA GLY A 436 -17.26 14.66 -0.22
C GLY A 436 -16.87 14.46 1.23
N LEU A 437 -17.50 15.21 2.14
CA LEU A 437 -17.19 15.08 3.56
C LEU A 437 -17.56 13.70 4.08
N LEU A 438 -18.71 13.17 3.68
CA LEU A 438 -19.11 11.83 4.09
C LEU A 438 -18.20 10.78 3.47
N ALA A 439 -17.82 10.94 2.20
CA ALA A 439 -16.98 9.97 1.53
C ALA A 439 -15.59 9.90 2.16
N THR A 440 -15.02 11.06 2.51
CA THR A 440 -13.67 11.12 3.04
C THR A 440 -13.64 10.86 4.55
N TYR A 441 -14.35 11.69 5.32
CA TYR A 441 -14.36 11.60 6.77
C TYR A 441 -15.62 10.86 7.21
N ILE A 442 -15.47 9.60 7.57
CA ILE A 442 -16.60 8.80 8.06
C ILE A 442 -16.36 8.18 9.43
N SER A 443 -15.10 7.91 9.82
CA SER A 443 -14.85 7.34 11.13
C SER A 443 -14.96 8.37 12.24
N LEU A 444 -14.53 9.61 11.97
CA LEU A 444 -14.60 10.65 12.99
C LEU A 444 -16.02 10.96 13.45
N PRO A 445 -17.00 11.18 12.56
CA PRO A 445 -18.37 11.43 13.06
C PRO A 445 -18.93 10.27 13.85
N LEU A 446 -18.66 9.04 13.44
CA LEU A 446 -19.13 7.87 14.19
C LEU A 446 -18.49 7.81 15.57
N PHE A 447 -17.17 8.05 15.65
CA PHE A 447 -16.49 8.05 16.93
C PHE A 447 -17.05 9.12 17.85
N LEU A 448 -17.25 10.33 17.31
CA LEU A 448 -17.79 11.43 18.12
C LEU A 448 -19.20 11.11 18.61
N ALA A 449 -20.04 10.55 17.72
CA ALA A 449 -21.40 10.21 18.10
C ALA A 449 -21.42 9.14 19.19
N ILE A 450 -20.58 8.11 19.06
CA ILE A 450 -20.53 7.05 20.07
C ILE A 450 -20.08 7.62 21.39
N TRP A 451 -19.03 8.45 21.39
CA TRP A 451 -18.53 9.03 22.63
C TRP A 451 -19.58 9.91 23.28
N LEU A 452 -20.25 10.76 22.50
CA LEU A 452 -21.28 11.63 23.05
C LEU A 452 -22.45 10.85 23.62
N GLY A 453 -22.89 9.80 22.90
CA GLY A 453 -23.97 8.98 23.41
C GLY A 453 -23.62 8.27 24.69
N TYR A 454 -22.41 7.72 24.77
CA TYR A 454 -21.99 7.04 26.00
C TYR A 454 -21.90 8.02 27.15
N ARG A 455 -21.34 9.22 26.90
CA ARG A 455 -21.24 10.22 27.96
C ARG A 455 -22.61 10.68 28.43
N TRP A 456 -23.55 10.83 27.50
CA TRP A 456 -24.90 11.27 27.88
C TRP A 456 -25.64 10.18 28.66
N LYS A 457 -25.47 8.91 28.26
CA LYS A 457 -26.19 7.82 28.90
C LYS A 457 -25.53 7.34 30.19
N LYS A 458 -24.28 7.70 30.44
CA LYS A 458 -23.59 7.27 31.65
C LYS A 458 -23.28 8.40 32.62
N ARG A 459 -23.24 9.65 32.16
CA ARG A 459 -22.93 10.81 33.00
C ARG A 459 -21.58 10.63 33.69
N ALA A 460 -20.53 10.55 32.87
CA ALA A 460 -19.18 10.36 33.35
C ALA A 460 -18.30 11.53 32.91
N ARG A 461 -17.32 11.85 33.74
CA ARG A 461 -16.39 12.95 33.50
C ARG A 461 -14.96 12.42 33.49
N PHE A 462 -14.00 13.34 33.38
CA PHE A 462 -12.60 12.96 33.37
C PHE A 462 -12.15 12.49 34.76
N VAL A 463 -11.01 11.81 34.78
CA VAL A 463 -10.46 11.23 36.00
C VAL A 463 -9.44 12.21 36.58
N ARG A 464 -9.54 12.45 37.89
CA ARG A 464 -8.65 13.40 38.54
C ARG A 464 -7.22 12.88 38.55
N TYR A 465 -6.26 13.81 38.53
CA TYR A 465 -4.85 13.44 38.54
C TYR A 465 -4.47 12.75 39.84
N HIS A 466 -4.98 13.22 40.96
CA HIS A 466 -4.64 12.68 42.27
C HIS A 466 -5.48 11.46 42.64
N GLU A 467 -6.43 11.07 41.81
CA GLU A 467 -7.27 9.90 42.05
C GLU A 467 -7.17 8.99 40.84
N MET A 468 -6.14 8.14 40.81
CA MET A 468 -5.93 7.20 39.72
C MET A 468 -5.21 5.97 40.25
N ASP A 469 -5.29 4.89 39.50
CA ASP A 469 -4.61 3.65 39.85
C ASP A 469 -3.14 3.76 39.45
N VAL A 470 -2.24 3.60 40.42
CA VAL A 470 -0.81 3.73 40.20
C VAL A 470 -0.07 2.44 40.52
N SER A 471 -0.43 1.76 41.60
CA SER A 471 0.28 0.56 42.01
C SER A 471 0.10 -0.53 40.96
N PRO A 472 1.18 -1.15 40.48
CA PRO A 472 1.05 -2.21 39.49
C PRO A 472 0.45 -3.47 40.08
N THR A 473 -0.14 -4.28 39.22
CA THR A 473 -0.75 -5.55 39.59
C THR A 473 0.05 -6.71 39.00
N ASN A 474 0.23 -7.76 39.80
CA ASN A 474 0.98 -8.94 39.39
C ASN A 474 0.02 -10.05 38.99
N THR A 475 0.20 -10.58 37.79
CA THR A 475 -0.64 -11.65 37.28
C THR A 475 0.12 -12.96 37.16
N GLN B 3 0.40 -7.66 -33.46
CA GLN B 3 0.96 -7.03 -32.26
C GLN B 3 0.96 -5.51 -32.38
N LEU B 4 1.33 -5.01 -33.56
CA LEU B 4 1.41 -3.58 -33.81
C LEU B 4 0.72 -3.25 -35.12
N GLN B 5 0.06 -2.09 -35.15
CA GLN B 5 -0.67 -1.64 -36.34
C GLN B 5 -0.39 -0.17 -36.56
N GLU B 6 -0.27 0.23 -37.81
CA GLU B 6 0.02 1.61 -38.18
C GLU B 6 -1.04 2.10 -39.17
N SER B 7 -1.38 3.39 -39.08
CA SER B 7 -2.38 3.97 -39.97
C SER B 7 -2.13 5.46 -40.11
N GLY B 8 -2.73 6.05 -41.15
CA GLY B 8 -2.63 7.47 -41.40
C GLY B 8 -1.84 7.86 -42.63
N GLY B 9 -1.23 6.90 -43.32
CA GLY B 9 -0.40 7.22 -44.46
C GLY B 9 -1.20 7.64 -45.68
N GLY B 10 -0.47 8.16 -46.67
CA GLY B 10 -1.10 8.63 -47.89
C GLY B 10 -0.13 9.49 -48.69
N LEU B 11 -0.69 10.25 -49.63
CA LEU B 11 0.07 11.14 -50.48
C LEU B 11 -0.07 12.57 -49.96
N VAL B 12 1.07 13.23 -49.73
CA VAL B 12 1.12 14.57 -49.19
C VAL B 12 1.92 15.44 -50.14
N GLN B 13 1.39 16.63 -50.46
CA GLN B 13 2.08 17.57 -51.31
C GLN B 13 3.22 18.30 -50.61
N GLY B 14 3.35 18.14 -49.29
CA GLY B 14 4.41 18.81 -48.55
C GLY B 14 3.91 19.59 -47.35
N GLY B 15 2.69 19.29 -46.91
CA GLY B 15 2.11 19.97 -45.77
C GLY B 15 2.41 19.29 -44.46
N SER B 16 1.37 19.00 -43.68
CA SER B 16 1.50 18.36 -42.38
C SER B 16 0.57 17.16 -42.31
N LEU B 17 1.00 16.14 -41.56
CA LEU B 17 0.21 14.92 -41.46
C LEU B 17 0.52 14.20 -40.16
N ARG B 18 -0.51 13.59 -39.57
CA ARG B 18 -0.38 12.81 -38.35
C ARG B 18 -0.57 11.33 -38.65
N LEU B 19 0.28 10.51 -38.06
CA LEU B 19 0.23 9.05 -38.23
C LEU B 19 0.09 8.39 -36.87
N SER B 20 -0.76 7.37 -36.79
CA SER B 20 -1.07 6.72 -35.52
C SER B 20 -0.58 5.28 -35.52
N CYS B 21 -0.16 4.82 -34.35
CA CYS B 21 0.27 3.45 -34.11
C CYS B 21 -0.43 2.90 -32.88
N ALA B 22 -0.87 1.65 -32.97
CA ALA B 22 -1.62 1.00 -31.92
C ALA B 22 -1.04 -0.38 -31.64
N ALA B 23 -1.28 -0.88 -30.44
CA ALA B 23 -0.78 -2.16 -29.99
C ALA B 23 -1.91 -3.12 -29.67
N SER B 24 -1.60 -4.41 -29.69
CA SER B 24 -2.55 -5.46 -29.41
C SER B 24 -2.63 -5.70 -27.90
N GLY B 25 -3.23 -6.81 -27.49
CA GLY B 25 -3.37 -7.15 -26.07
C GLY B 25 -2.06 -7.33 -25.34
N ARG B 26 -2.14 -7.70 -24.05
CA ARG B 26 -0.98 -7.83 -23.18
C ARG B 26 -0.27 -6.49 -23.04
N THR B 27 0.91 -6.38 -23.64
CA THR B 27 1.74 -5.17 -23.60
C THR B 27 1.96 -4.65 -22.18
N PHE B 28 2.01 -5.57 -21.22
CA PHE B 28 2.38 -5.23 -19.85
C PHE B 28 3.82 -5.59 -19.53
N SER B 29 4.58 -6.04 -20.52
CA SER B 29 5.99 -6.36 -20.38
C SER B 29 6.82 -5.52 -21.35
N ILE B 30 6.44 -4.25 -21.52
CA ILE B 30 7.05 -3.37 -22.50
C ILE B 30 7.38 -2.04 -21.83
N TYR B 31 8.32 -1.31 -22.42
CA TYR B 31 8.81 -0.07 -21.84
C TYR B 31 8.45 1.15 -22.67
N GLY B 32 8.84 1.18 -23.96
CA GLY B 32 8.57 2.33 -24.79
C GLY B 32 8.68 2.01 -26.25
N MET B 33 8.03 2.84 -27.06
CA MET B 33 7.92 2.62 -28.50
C MET B 33 8.82 3.58 -29.25
N ALA B 34 8.88 3.38 -30.57
CA ALA B 34 9.74 4.17 -31.45
C ALA B 34 9.24 4.03 -32.88
N TRP B 35 9.64 4.97 -33.71
CA TRP B 35 9.36 4.96 -35.14
C TRP B 35 10.68 5.07 -35.89
N VAL B 36 10.87 4.19 -36.87
CA VAL B 36 12.12 4.11 -37.62
C VAL B 36 11.79 4.04 -39.11
N ARG B 37 12.45 4.87 -39.91
CA ARG B 37 12.19 4.94 -41.34
C ARG B 37 13.27 4.19 -42.12
N GLN B 38 12.91 3.79 -43.35
CA GLN B 38 13.90 3.28 -44.28
C GLN B 38 13.41 3.54 -45.70
N ALA B 39 14.34 3.86 -46.59
CA ALA B 39 14.03 4.18 -47.97
C ALA B 39 14.09 2.91 -48.83
N SER B 40 13.84 3.09 -50.13
CA SER B 40 13.86 1.97 -51.07
C SER B 40 15.31 1.52 -51.28
N GLY B 41 15.63 0.34 -50.76
CA GLY B 41 16.99 -0.18 -50.88
C GLY B 41 18.03 0.66 -50.18
N LYS B 42 17.72 1.14 -48.97
CA LYS B 42 18.64 1.98 -48.21
C LYS B 42 18.70 1.48 -46.77
N GLU B 43 19.78 1.85 -46.09
CA GLU B 43 19.99 1.42 -44.71
C GLU B 43 18.91 2.01 -43.79
N ARG B 44 18.51 1.22 -42.81
CA ARG B 44 17.50 1.67 -41.84
C ARG B 44 18.04 2.84 -41.02
N GLU B 45 17.19 3.84 -40.82
CA GLU B 45 17.58 5.06 -40.12
C GLU B 45 16.58 5.34 -39.01
N PHE B 46 17.08 5.54 -37.79
CA PHE B 46 16.25 5.87 -36.65
C PHE B 46 15.61 7.24 -36.82
N VAL B 47 14.36 7.36 -36.34
CA VAL B 47 13.63 8.62 -36.48
C VAL B 47 13.26 9.18 -35.11
N ALA B 48 12.47 8.43 -34.33
CA ALA B 48 11.99 8.96 -33.06
C ALA B 48 11.77 7.81 -32.08
N ALA B 49 11.76 8.16 -30.79
CA ALA B 49 11.52 7.21 -29.72
C ALA B 49 10.90 7.92 -28.54
N MET B 50 10.05 7.20 -27.80
CA MET B 50 9.32 7.77 -26.67
C MET B 50 8.73 6.66 -25.80
N PRO B 51 8.81 6.79 -24.47
CA PRO B 51 8.11 5.85 -23.58
C PRO B 51 6.60 5.99 -23.70
N ARG B 52 5.90 4.90 -23.34
CA ARG B 52 4.45 4.89 -23.42
C ARG B 52 3.83 5.92 -22.50
N GLY B 53 4.31 5.97 -21.25
CA GLY B 53 3.83 6.99 -20.33
C GLY B 53 4.20 8.39 -20.79
N GLY B 54 5.43 8.56 -21.24
CA GLY B 54 5.86 9.78 -21.90
C GLY B 54 6.43 10.81 -20.94
N GLY B 55 7.75 10.77 -20.73
CA GLY B 55 8.42 11.72 -19.87
C GLY B 55 9.50 12.45 -20.65
N THR B 56 9.97 11.80 -21.72
CA THR B 56 10.96 12.38 -22.60
C THR B 56 10.69 11.90 -24.01
N THR B 57 11.25 12.59 -24.98
CA THR B 57 11.23 12.18 -26.36
C THR B 57 12.63 12.28 -26.93
N ASN B 58 12.97 11.35 -27.82
CA ASN B 58 14.28 11.35 -28.48
C ASN B 58 14.08 11.40 -29.99
N TYR B 59 14.81 12.28 -30.66
CA TYR B 59 14.71 12.45 -32.11
C TYR B 59 16.06 12.15 -32.75
N ALA B 60 16.14 12.38 -34.07
CA ALA B 60 17.37 12.26 -34.82
C ALA B 60 17.89 13.66 -35.16
N ASP B 61 19.20 13.74 -35.37
CA ASP B 61 19.84 15.04 -35.56
C ASP B 61 19.30 15.77 -36.78
N SER B 62 19.09 15.05 -37.88
CA SER B 62 18.65 15.67 -39.12
C SER B 62 17.18 16.07 -39.11
N VAL B 63 16.40 15.63 -38.11
CA VAL B 63 14.96 15.90 -38.10
C VAL B 63 14.57 16.59 -36.80
N LYS B 64 15.54 17.16 -36.10
CA LYS B 64 15.25 17.86 -34.85
C LYS B 64 14.43 19.11 -35.11
N GLY B 65 13.41 19.32 -34.28
CA GLY B 65 12.61 20.52 -34.34
C GLY B 65 11.54 20.55 -35.41
N ARG B 66 11.24 19.43 -36.04
CA ARG B 66 10.23 19.38 -37.10
C ARG B 66 9.11 18.38 -36.84
N PHE B 67 9.40 17.28 -36.15
CA PHE B 67 8.42 16.24 -35.88
C PHE B 67 8.06 16.24 -34.40
N SER B 68 6.82 15.88 -34.10
CA SER B 68 6.33 15.87 -32.73
C SER B 68 5.67 14.53 -32.44
N ILE B 69 6.22 13.78 -31.49
CA ILE B 69 5.70 12.46 -31.13
C ILE B 69 5.06 12.56 -29.76
N SER B 70 3.82 12.07 -29.64
CA SER B 70 3.09 12.11 -28.39
C SER B 70 2.12 10.94 -28.37
N ARG B 71 1.19 10.96 -27.41
CA ARG B 71 0.19 9.90 -27.27
C ARG B 71 -1.19 10.53 -27.13
N ASP B 72 -2.20 9.74 -27.47
CA ASP B 72 -3.60 10.16 -27.38
C ASP B 72 -4.37 9.11 -26.61
N ASN B 73 -5.13 9.56 -25.61
CA ASN B 73 -5.95 8.67 -24.79
C ASN B 73 -7.33 8.41 -25.38
N ALA B 74 -7.74 9.18 -26.39
CA ALA B 74 -9.03 8.95 -27.03
C ALA B 74 -9.07 7.57 -27.69
N LYS B 75 -8.00 7.22 -28.40
CA LYS B 75 -7.82 5.89 -28.97
C LYS B 75 -6.70 5.11 -28.30
N ASN B 76 -6.02 5.70 -27.32
CA ASN B 76 -4.88 5.08 -26.65
C ASN B 76 -3.82 4.66 -27.66
N THR B 77 -3.43 5.61 -28.51
CA THR B 77 -2.50 5.33 -29.60
C THR B 77 -1.37 6.35 -29.60
N VAL B 78 -0.22 5.93 -30.13
CA VAL B 78 0.96 6.79 -30.21
C VAL B 78 0.91 7.52 -31.55
N ASP B 79 0.91 8.85 -31.50
CA ASP B 79 0.75 9.69 -32.67
C ASP B 79 2.05 10.43 -32.97
N LEU B 80 2.34 10.58 -34.26
CA LEU B 80 3.49 11.33 -34.74
C LEU B 80 3.01 12.35 -35.76
N GLN B 81 3.24 13.63 -35.48
CA GLN B 81 2.89 14.72 -36.37
C GLN B 81 4.13 15.17 -37.12
N MET B 82 4.09 15.09 -38.45
CA MET B 82 5.17 15.52 -39.32
C MET B 82 4.74 16.83 -39.98
N ASN B 83 5.59 17.85 -39.87
CA ASN B 83 5.34 19.15 -40.45
C ASN B 83 6.47 19.52 -41.41
N SER B 84 6.16 20.38 -42.38
CA SER B 84 7.11 20.79 -43.40
C SER B 84 7.69 19.57 -44.12
N LEU B 85 6.81 18.67 -44.53
CA LEU B 85 7.23 17.45 -45.22
C LEU B 85 7.88 17.79 -46.55
N LYS B 86 8.95 17.07 -46.89
CA LYS B 86 9.74 17.29 -48.09
C LYS B 86 9.85 16.00 -48.89
N PRO B 87 10.10 16.10 -50.20
CA PRO B 87 10.22 14.88 -51.02
C PRO B 87 11.34 13.95 -50.60
N GLU B 88 12.35 14.45 -49.89
CA GLU B 88 13.46 13.59 -49.45
C GLU B 88 13.05 12.61 -48.36
N ASP B 89 11.85 12.76 -47.79
CA ASP B 89 11.38 11.89 -46.71
C ASP B 89 10.52 10.74 -47.21
N THR B 90 10.41 10.56 -48.52
CA THR B 90 9.66 9.44 -49.07
C THR B 90 10.31 8.11 -48.65
N ALA B 91 9.60 7.33 -47.84
CA ALA B 91 10.16 6.13 -47.25
C ALA B 91 9.04 5.35 -46.58
N VAL B 92 9.40 4.19 -46.03
CA VAL B 92 8.45 3.36 -45.27
C VAL B 92 8.84 3.41 -43.81
N TYR B 93 7.86 3.66 -42.95
CA TYR B 93 8.04 3.80 -41.52
C TYR B 93 7.58 2.53 -40.82
N TYR B 94 8.35 2.10 -39.82
CA TYR B 94 8.01 0.98 -38.97
C TYR B 94 7.82 1.48 -37.55
N CYS B 95 6.70 1.11 -36.94
CA CYS B 95 6.43 1.38 -35.53
C CYS B 95 6.87 0.17 -34.72
N VAL B 96 7.90 0.35 -33.89
CA VAL B 96 8.49 -0.72 -33.11
C VAL B 96 8.41 -0.35 -31.64
N ALA B 97 8.85 -1.27 -30.79
CA ALA B 97 8.86 -1.04 -29.35
C ALA B 97 9.91 -1.94 -28.72
N ASP B 98 10.31 -1.57 -27.50
CA ASP B 98 11.36 -2.29 -26.80
C ASP B 98 10.89 -2.66 -25.39
N ARG B 99 11.49 -3.72 -24.87
CA ARG B 99 11.20 -4.23 -23.53
C ARG B 99 12.45 -4.13 -22.67
N GLY B 100 12.31 -3.56 -21.48
CA GLY B 100 13.42 -3.41 -20.58
C GLY B 100 13.14 -2.31 -19.58
N PHE B 101 14.21 -1.86 -18.92
CA PHE B 101 14.13 -0.80 -17.93
C PHE B 101 14.66 0.54 -18.43
N THR B 102 15.23 0.58 -19.63
CA THR B 102 15.80 1.80 -20.18
C THR B 102 15.33 1.97 -21.61
N LEU B 103 15.25 3.23 -22.04
CA LEU B 103 14.84 3.55 -23.41
C LEU B 103 15.98 3.17 -24.35
N ARG B 104 15.82 2.02 -25.03
CA ARG B 104 16.84 1.55 -25.94
C ARG B 104 16.81 2.35 -27.24
N LEU B 105 17.98 2.76 -27.70
CA LEU B 105 18.14 3.49 -28.95
C LEU B 105 18.75 2.58 -30.01
N GLY B 106 19.02 3.15 -31.18
CA GLY B 106 19.59 2.41 -32.29
C GLY B 106 18.53 1.97 -33.28
N ILE B 107 19.00 1.27 -34.32
CA ILE B 107 18.14 0.79 -35.39
C ILE B 107 17.76 -0.68 -35.20
N GLN B 108 18.07 -1.26 -34.05
CA GLN B 108 17.76 -2.65 -33.76
C GLN B 108 16.62 -2.72 -32.75
N HIS B 109 15.60 -3.51 -33.05
CA HIS B 109 14.44 -3.64 -32.19
C HIS B 109 13.93 -5.08 -32.26
N ASP B 110 13.13 -5.46 -31.27
CA ASP B 110 12.62 -6.81 -31.14
C ASP B 110 11.32 -7.03 -31.90
N TYR B 111 10.31 -6.19 -31.66
CA TYR B 111 9.00 -6.32 -32.28
C TYR B 111 8.90 -5.39 -33.48
N TRP B 112 8.32 -5.89 -34.56
CA TRP B 112 8.17 -5.14 -35.80
C TRP B 112 6.73 -5.19 -36.27
N GLY B 113 6.32 -4.15 -36.99
CA GLY B 113 4.98 -4.05 -37.53
C GLY B 113 4.96 -4.07 -39.05
N GLN B 114 3.74 -3.90 -39.58
CA GLN B 114 3.57 -3.91 -41.03
C GLN B 114 4.26 -2.72 -41.67
N GLY B 115 4.15 -1.54 -41.07
CA GLY B 115 4.75 -0.34 -41.61
C GLY B 115 3.82 0.38 -42.59
N THR B 116 4.21 1.62 -42.90
CA THR B 116 3.40 2.44 -43.80
C THR B 116 4.34 3.21 -44.72
N GLN B 117 4.06 3.17 -46.02
CA GLN B 117 4.87 3.86 -47.02
C GLN B 117 4.29 5.24 -47.29
N VAL B 118 5.14 6.27 -47.25
CA VAL B 118 4.74 7.64 -47.53
C VAL B 118 5.61 8.18 -48.66
N THR B 119 4.95 8.79 -49.64
CA THR B 119 5.60 9.36 -50.80
C THR B 119 5.11 10.79 -50.99
N VAL B 120 6.01 11.67 -51.43
CA VAL B 120 5.72 13.07 -51.64
C VAL B 120 5.84 13.39 -53.12
N SER B 121 4.82 14.00 -53.69
CA SER B 121 4.79 14.37 -55.09
C SER B 121 4.99 15.88 -55.25
N SER B 122 5.58 16.25 -56.38
CA SER B 122 5.85 17.66 -56.67
C SER B 122 4.55 18.43 -56.91
#